data_5DZ6
#
_entry.id   5DZ6
#
_cell.length_a   53.190
_cell.length_b   70.430
_cell.length_c   76.280
_cell.angle_alpha   90.000
_cell.angle_beta   90.000
_cell.angle_gamma   90.000
#
_symmetry.space_group_name_H-M   'P 21 21 21'
#
loop_
_entity.id
_entity.type
_entity.pdbx_description
1 polymer 'Polyketide biosynthesis malonyl CoA-acyl carrier protein transacylase PksC'
2 non-polymer GLYCEROL
3 non-polymer 'BROMIDE ION'
4 non-polymer 'CHLORIDE ION'
5 non-polymer 1,2-ETHANEDIOL
6 non-polymer DI(HYDROXYETHYL)ETHER
7 water water
#
_entity_poly.entity_id   1
_entity_poly.type   'polypeptide(L)'
_entity_poly.pdbx_seq_one_letter_code
;MITYVFPGQGSQKQGMGSGLFDEFKELTDQADEILGYSIKRLCLENPYSNLNKTQFTQPALYVVNALSYLKKIRDEEVKP
DFVAGHSLGEYNALFAAEAFDFETGLQLVRKRGELMSLISNGGMAAVMGLNEEQVAKALKEYHLHDVDIANVNAPYQIVI
SGKKDEIEKAASLFETMTEVTMVLPLNVSGAFHSRYMNKAKEEFEEFLHAFYFSPPSIPVISNVYAKPYTYEFMKQTLAD
QINHSVKWTDSISYLMKKAAMEFEEVGPGNVLTGLIHRIKKDAEAMPR
;
_entity_poly.pdbx_strand_id   A
#
# COMPACT_ATOMS: atom_id res chain seq x y z
N MET A 1 -2.01 18.82 -14.14
CA MET A 1 -1.39 17.44 -14.09
C MET A 1 -2.30 16.48 -13.33
N ILE A 2 -2.11 15.20 -13.66
CA ILE A 2 -2.94 14.15 -12.98
C ILE A 2 -2.03 13.05 -12.46
N THR A 3 -2.28 12.64 -11.20
CA THR A 3 -1.68 11.42 -10.59
C THR A 3 -2.80 10.37 -10.40
N TYR A 4 -2.53 9.12 -10.77
CA TYR A 4 -3.39 8.00 -10.39
C TYR A 4 -2.81 7.31 -9.14
N VAL A 5 -3.64 7.11 -8.12
CA VAL A 5 -3.20 6.40 -6.88
C VAL A 5 -3.93 5.13 -6.71
N PHE A 6 -3.27 4.10 -6.25
CA PHE A 6 -3.82 2.72 -6.21
C PHE A 6 -3.81 2.27 -4.76
N PRO A 7 -4.95 1.80 -4.22
CA PRO A 7 -5.11 1.41 -2.80
C PRO A 7 -4.55 0.03 -2.49
N GLY A 8 -4.28 -0.14 -1.23
CA GLY A 8 -3.85 -1.43 -0.74
C GLY A 8 -4.76 -2.01 0.34
N GLN A 9 -4.18 -2.76 1.23
CA GLN A 9 -4.91 -3.51 2.27
C GLN A 9 -5.99 -2.67 2.92
N GLY A 10 -7.16 -3.30 3.01
CA GLY A 10 -8.34 -2.63 3.63
C GLY A 10 -9.28 -2.11 2.59
N SER A 11 -8.90 -1.99 1.30
CA SER A 11 -9.82 -1.55 0.29
C SER A 11 -10.43 -2.72 -0.43
N GLN A 12 -10.06 -3.98 -0.11
CA GLN A 12 -10.73 -5.11 -0.76
C GLN A 12 -12.18 -5.22 -0.23
N LYS A 13 -13.06 -5.78 -1.05
CA LYS A 13 -14.50 -5.79 -0.75
CA LYS A 13 -14.50 -5.79 -0.76
C LYS A 13 -15.23 -6.80 -1.64
N GLN A 14 -15.94 -7.83 -1.15
CA GLN A 14 -16.67 -8.71 -2.04
C GLN A 14 -17.49 -7.89 -3.03
N GLY A 15 -17.35 -8.30 -4.28
CA GLY A 15 -17.92 -7.52 -5.37
C GLY A 15 -16.96 -6.63 -6.13
N MET A 16 -15.76 -6.47 -5.56
CA MET A 16 -14.67 -5.72 -6.25
CA MET A 16 -14.87 -5.60 -6.32
C MET A 16 -14.44 -6.25 -7.67
N GLY A 17 -14.26 -5.30 -8.63
CA GLY A 17 -13.95 -5.74 -9.96
C GLY A 17 -15.11 -6.24 -10.82
N SER A 18 -16.33 -6.23 -10.27
CA SER A 18 -17.51 -6.66 -11.05
C SER A 18 -17.55 -5.99 -12.42
N GLY A 19 -17.71 -6.82 -13.45
CA GLY A 19 -17.70 -6.40 -14.88
C GLY A 19 -16.36 -6.44 -15.51
N LEU A 20 -15.30 -6.17 -14.70
CA LEU A 20 -13.93 -6.10 -15.28
C LEU A 20 -13.40 -7.43 -15.70
N PHE A 21 -13.69 -8.54 -15.00
CA PHE A 21 -13.08 -9.80 -15.33
C PHE A 21 -13.52 -10.29 -16.70
N ASP A 22 -14.79 -10.14 -16.97
CA ASP A 22 -15.34 -10.59 -18.30
C ASP A 22 -14.84 -9.64 -19.37
N GLU A 23 -14.73 -8.32 -19.09
CA GLU A 23 -14.21 -7.34 -20.09
C GLU A 23 -12.74 -7.54 -20.42
N PHE A 24 -11.93 -8.12 -19.51
CA PHE A 24 -10.54 -8.40 -19.80
C PHE A 24 -10.29 -9.85 -19.68
N LYS A 25 -10.99 -10.68 -20.50
CA LYS A 25 -10.88 -12.12 -20.32
C LYS A 25 -9.47 -12.69 -20.57
N GLU A 26 -8.68 -12.05 -21.43
CA GLU A 26 -7.31 -12.50 -21.71
C GLU A 26 -6.46 -12.42 -20.39
N LEU A 27 -6.62 -11.26 -19.69
CA LEU A 27 -5.80 -11.07 -18.46
C LEU A 27 -6.37 -11.89 -17.26
N THR A 28 -7.69 -11.99 -17.20
CA THR A 28 -8.32 -12.86 -16.21
C THR A 28 -7.88 -14.31 -16.34
N ASP A 29 -7.89 -14.79 -17.57
CA ASP A 29 -7.29 -16.09 -17.88
C ASP A 29 -5.84 -16.20 -17.39
N GLN A 30 -5.00 -15.23 -17.74
CA GLN A 30 -3.59 -15.27 -17.38
C GLN A 30 -3.42 -15.32 -15.84
N ALA A 31 -4.30 -14.60 -15.13
CA ALA A 31 -4.23 -14.59 -13.67
C ALA A 31 -4.65 -15.94 -13.08
N ASP A 32 -5.73 -16.53 -13.66
CA ASP A 32 -6.16 -17.82 -13.13
C ASP A 32 -5.09 -18.89 -13.35
N GLU A 33 -4.44 -18.82 -14.51
CA GLU A 33 -3.37 -19.79 -14.83
C GLU A 33 -2.25 -19.69 -13.82
N ILE A 34 -1.81 -18.48 -13.48
CA ILE A 34 -0.80 -18.34 -12.43
C ILE A 34 -1.24 -18.76 -11.06
N LEU A 35 -2.44 -18.34 -10.68
CA LEU A 35 -2.85 -18.53 -9.31
C LEU A 35 -3.34 -19.93 -9.02
N GLY A 36 -3.92 -20.59 -10.03
CA GLY A 36 -4.45 -21.95 -9.79
C GLY A 36 -5.89 -21.95 -9.31
N TYR A 37 -6.52 -20.78 -9.25
CA TYR A 37 -7.90 -20.63 -8.81
C TYR A 37 -8.50 -19.42 -9.59
N SER A 38 -9.82 -19.29 -9.59
CA SER A 38 -10.50 -18.23 -10.33
C SER A 38 -10.43 -16.91 -9.52
N ILE A 39 -9.74 -15.95 -10.15
CA ILE A 39 -9.67 -14.62 -9.49
C ILE A 39 -11.03 -13.93 -9.42
N LYS A 40 -11.88 -14.16 -10.45
CA LYS A 40 -13.19 -13.59 -10.45
C LYS A 40 -14.02 -14.15 -9.26
N ARG A 41 -13.97 -15.45 -9.06
CA ARG A 41 -14.84 -16.00 -7.99
C ARG A 41 -14.33 -15.59 -6.60
N LEU A 42 -13.00 -15.42 -6.50
CA LEU A 42 -12.45 -14.94 -5.19
C LEU A 42 -13.02 -13.57 -4.88
N CYS A 43 -13.00 -12.69 -5.85
CA CYS A 43 -13.48 -11.32 -5.70
C CYS A 43 -14.97 -11.13 -5.55
N LEU A 44 -15.73 -11.92 -6.37
CA LEU A 44 -17.17 -11.68 -6.35
C LEU A 44 -17.90 -12.58 -5.41
N GLU A 45 -17.31 -13.68 -5.02
CA GLU A 45 -18.00 -14.60 -4.07
C GLU A 45 -17.31 -14.70 -2.69
N ASN A 46 -16.03 -14.24 -2.57
CA ASN A 46 -15.30 -14.30 -1.28
C ASN A 46 -15.45 -15.66 -0.54
N PRO A 47 -15.09 -16.72 -1.22
CA PRO A 47 -15.26 -18.02 -0.57
C PRO A 47 -14.42 -18.05 0.75
N TYR A 48 -15.06 -18.59 1.82
CA TYR A 48 -14.35 -18.82 3.04
C TYR A 48 -13.62 -17.60 3.61
N SER A 49 -14.22 -16.42 3.36
CA SER A 49 -13.63 -15.16 3.84
C SER A 49 -12.22 -14.95 3.29
N ASN A 50 -11.82 -15.61 2.19
CA ASN A 50 -10.45 -15.54 1.67
C ASN A 50 -9.98 -14.12 1.30
N LEU A 51 -10.90 -13.22 0.98
CA LEU A 51 -10.47 -11.83 0.65
C LEU A 51 -9.76 -11.16 1.80
N ASN A 52 -9.98 -11.64 3.04
CA ASN A 52 -9.38 -11.00 4.23
C ASN A 52 -8.21 -11.86 4.75
N LYS A 53 -7.64 -12.71 3.92
CA LYS A 53 -6.37 -13.45 4.20
CA LYS A 53 -6.39 -13.43 4.21
C LYS A 53 -5.34 -12.93 3.20
N THR A 54 -4.23 -12.35 3.70
CA THR A 54 -3.29 -11.63 2.83
C THR A 54 -2.75 -12.38 1.65
N GLN A 55 -2.57 -13.68 1.76
CA GLN A 55 -2.07 -14.47 0.63
C GLN A 55 -3.04 -14.36 -0.57
N PHE A 56 -4.32 -14.10 -0.30
CA PHE A 56 -5.32 -13.86 -1.38
C PHE A 56 -5.66 -12.39 -1.57
N THR A 57 -5.65 -11.58 -0.54
CA THR A 57 -5.95 -10.15 -0.65
C THR A 57 -5.04 -9.49 -1.65
N GLN A 58 -3.73 -9.82 -1.58
CA GLN A 58 -2.76 -9.07 -2.41
C GLN A 58 -2.94 -9.37 -3.92
N PRO A 59 -3.14 -10.67 -4.35
CA PRO A 59 -3.49 -10.90 -5.77
C PRO A 59 -4.84 -10.25 -6.14
N ALA A 60 -5.83 -10.34 -5.25
CA ALA A 60 -7.12 -9.78 -5.57
C ALA A 60 -7.08 -8.26 -5.83
N LEU A 61 -6.44 -7.49 -4.93
CA LEU A 61 -6.35 -6.05 -5.13
C LEU A 61 -5.46 -5.76 -6.35
N TYR A 62 -4.35 -6.51 -6.50
CA TYR A 62 -3.48 -6.20 -7.66
C TYR A 62 -4.28 -6.41 -8.99
N VAL A 63 -5.03 -7.51 -9.10
CA VAL A 63 -5.75 -7.72 -10.35
C VAL A 63 -6.87 -6.68 -10.56
N VAL A 64 -7.64 -6.40 -9.51
CA VAL A 64 -8.70 -5.40 -9.70
C VAL A 64 -8.13 -4.02 -9.98
N ASN A 65 -7.06 -3.64 -9.27
CA ASN A 65 -6.48 -2.32 -9.57
C ASN A 65 -5.90 -2.26 -10.98
N ALA A 66 -5.31 -3.38 -11.45
CA ALA A 66 -4.72 -3.40 -12.83
C ALA A 66 -5.84 -3.29 -13.91
N LEU A 67 -6.88 -4.08 -13.74
CA LEU A 67 -7.95 -4.01 -14.78
C LEU A 67 -8.63 -2.68 -14.65
N SER A 68 -8.81 -2.06 -13.47
CA SER A 68 -9.39 -0.73 -13.33
C SER A 68 -8.58 0.26 -14.12
N TYR A 69 -7.27 0.22 -13.97
CA TYR A 69 -6.41 1.13 -14.73
C TYR A 69 -6.56 0.92 -16.26
N LEU A 70 -6.42 -0.29 -16.71
CA LEU A 70 -6.60 -0.54 -18.20
C LEU A 70 -7.96 -0.07 -18.69
N LYS A 71 -9.02 -0.22 -17.95
CA LYS A 71 -10.33 0.25 -18.38
CA LYS A 71 -10.30 0.22 -18.46
C LYS A 71 -10.32 1.76 -18.43
N LYS A 72 -9.77 2.45 -17.40
CA LYS A 72 -9.86 3.84 -17.31
C LYS A 72 -9.07 4.44 -18.46
N ILE A 73 -7.85 4.00 -18.74
CA ILE A 73 -7.06 4.72 -19.80
C ILE A 73 -7.66 4.44 -21.19
N ARG A 74 -8.22 3.25 -21.38
CA ARG A 74 -8.88 2.92 -22.69
C ARG A 74 -10.15 3.77 -22.85
N ASP A 75 -11.00 3.88 -21.86
CA ASP A 75 -12.24 4.66 -22.03
C ASP A 75 -11.99 6.17 -22.11
N GLU A 76 -10.94 6.70 -21.47
CA GLU A 76 -10.65 8.12 -21.42
C GLU A 76 -9.58 8.57 -22.39
N GLU A 77 -8.88 7.63 -22.97
CA GLU A 77 -7.82 7.90 -23.97
C GLU A 77 -6.79 8.91 -23.44
N VAL A 78 -6.36 8.73 -22.20
CA VAL A 78 -5.38 9.62 -21.58
C VAL A 78 -4.57 8.69 -20.66
N LYS A 79 -3.33 9.06 -20.41
CA LYS A 79 -2.53 8.44 -19.32
C LYS A 79 -2.22 9.49 -18.28
N PRO A 80 -2.01 9.02 -17.01
CA PRO A 80 -1.66 9.96 -15.97
C PRO A 80 -0.21 10.46 -16.13
N ASP A 81 0.07 11.58 -15.52
CA ASP A 81 1.45 12.17 -15.50
C ASP A 81 2.33 11.50 -14.50
N PHE A 82 1.75 11.04 -13.40
CA PHE A 82 2.44 10.35 -12.26
C PHE A 82 1.61 9.28 -11.72
N VAL A 83 2.23 8.28 -11.09
CA VAL A 83 1.49 7.25 -10.37
C VAL A 83 2.13 6.99 -9.01
N ALA A 84 1.30 6.51 -8.08
CA ALA A 84 1.77 6.03 -6.74
C ALA A 84 0.76 5.09 -6.21
N GLY A 85 1.18 4.27 -5.28
CA GLY A 85 0.19 3.34 -4.69
C GLY A 85 0.65 2.96 -3.27
N HIS A 86 -0.34 2.58 -2.40
CA HIS A 86 -0.05 2.44 -0.97
C HIS A 86 0.22 1.03 -0.64
N SER A 87 1.46 0.75 -0.25
CA SER A 87 1.83 -0.63 0.07
C SER A 87 1.59 -1.51 -1.15
N LEU A 88 0.73 -2.53 -1.02
CA LEU A 88 0.38 -3.33 -2.21
C LEU A 88 0.14 -2.48 -3.42
N GLY A 89 -0.52 -1.34 -3.25
CA GLY A 89 -0.87 -0.48 -4.45
C GLY A 89 0.33 -0.05 -5.25
N GLU A 90 1.54 0.02 -4.64
CA GLU A 90 2.73 0.47 -5.41
C GLU A 90 2.98 -0.54 -6.57
N TYR A 91 2.59 -1.81 -6.43
CA TYR A 91 2.74 -2.75 -7.58
C TYR A 91 1.85 -2.36 -8.73
N ASN A 92 0.68 -1.77 -8.47
CA ASN A 92 -0.16 -1.27 -9.52
C ASN A 92 0.30 0.01 -10.12
N ALA A 93 1.00 0.86 -9.31
CA ALA A 93 1.70 2.00 -9.91
C ALA A 93 2.78 1.53 -10.88
N LEU A 94 3.61 0.59 -10.44
CA LEU A 94 4.67 0.05 -11.30
C LEU A 94 4.08 -0.62 -12.53
N PHE A 95 2.96 -1.33 -12.41
CA PHE A 95 2.33 -1.92 -13.61
C PHE A 95 1.88 -0.79 -14.57
N ALA A 96 1.24 0.25 -14.08
CA ALA A 96 0.80 1.36 -14.96
C ALA A 96 1.98 2.02 -15.63
N ALA A 97 3.13 2.08 -14.97
CA ALA A 97 4.35 2.69 -15.52
C ALA A 97 5.15 1.65 -16.33
N GLU A 98 4.62 0.49 -16.65
CA GLU A 98 5.27 -0.49 -17.52
C GLU A 98 6.60 -0.91 -16.99
N ALA A 99 6.78 -0.94 -15.66
CA ALA A 99 8.02 -1.47 -15.07
C ALA A 99 8.09 -2.95 -15.18
N PHE A 100 6.96 -3.64 -15.26
CA PHE A 100 6.92 -5.07 -15.48
C PHE A 100 5.58 -5.36 -16.13
N ASP A 101 5.47 -6.56 -16.72
CA ASP A 101 4.22 -6.97 -17.35
C ASP A 101 3.24 -7.59 -16.35
N PHE A 102 1.97 -7.59 -16.74
CA PHE A 102 0.85 -7.97 -15.85
C PHE A 102 1.19 -9.23 -15.11
N GLU A 103 1.66 -10.30 -15.77
CA GLU A 103 1.93 -11.55 -15.16
C GLU A 103 3.06 -11.51 -14.15
N THR A 104 4.11 -10.77 -14.47
CA THR A 104 5.23 -10.58 -13.57
C THR A 104 4.73 -9.95 -12.27
N GLY A 105 3.99 -8.82 -12.38
CA GLY A 105 3.47 -8.16 -11.15
C GLY A 105 2.66 -9.17 -10.30
N LEU A 106 1.84 -9.99 -10.97
CA LEU A 106 1.04 -10.95 -10.19
C LEU A 106 1.90 -11.97 -9.47
N GLN A 107 2.98 -12.47 -10.10
CA GLN A 107 3.87 -13.40 -9.40
CA GLN A 107 3.97 -13.37 -9.46
C GLN A 107 4.56 -12.70 -8.23
N LEU A 108 4.93 -11.41 -8.37
CA LEU A 108 5.54 -10.72 -7.22
C LEU A 108 4.58 -10.58 -6.06
N VAL A 109 3.33 -10.15 -6.36
CA VAL A 109 2.37 -9.96 -5.28
C VAL A 109 1.93 -11.31 -4.71
N ARG A 110 1.91 -12.37 -5.49
CA ARG A 110 1.62 -13.66 -4.88
C ARG A 110 2.68 -14.04 -3.85
N LYS A 111 3.95 -13.84 -4.20
CA LYS A 111 5.05 -14.19 -3.29
C LYS A 111 4.97 -13.27 -2.06
N ARG A 112 4.77 -11.97 -2.27
CA ARG A 112 4.70 -11.01 -1.14
C ARG A 112 3.60 -11.43 -0.19
N GLY A 113 2.42 -11.78 -0.73
CA GLY A 113 1.35 -12.21 0.17
C GLY A 113 1.64 -13.53 0.86
N GLU A 114 2.37 -14.45 0.22
CA GLU A 114 2.73 -15.70 0.91
C GLU A 114 3.69 -15.38 2.06
N LEU A 115 4.72 -14.59 1.84
CA LEU A 115 5.67 -14.27 2.89
C LEU A 115 4.95 -13.59 4.03
N MET A 116 4.04 -12.65 3.72
CA MET A 116 3.39 -11.88 4.81
C MET A 116 2.35 -12.75 5.53
N SER A 117 1.75 -13.72 4.87
CA SER A 117 0.76 -14.58 5.53
C SER A 117 1.43 -15.46 6.63
N LEU A 118 2.75 -15.62 6.61
CA LEU A 118 3.40 -16.52 7.58
C LEU A 118 3.85 -15.73 8.77
N ILE A 119 3.77 -14.41 8.75
CA ILE A 119 4.24 -13.60 9.87
C ILE A 119 3.13 -13.69 10.94
N SER A 120 3.63 -13.85 12.18
CA SER A 120 2.75 -13.91 13.31
C SER A 120 3.36 -13.11 14.50
N ASN A 121 2.53 -13.08 15.53
CA ASN A 121 2.85 -12.45 16.85
CA ASN A 121 2.99 -12.52 16.80
C ASN A 121 3.12 -10.97 16.73
N GLY A 122 2.47 -10.36 15.70
CA GLY A 122 2.59 -8.90 15.58
C GLY A 122 1.26 -8.21 15.62
N GLY A 123 1.26 -6.89 15.55
CA GLY A 123 0.04 -6.08 15.47
C GLY A 123 0.39 -4.72 14.92
N MET A 124 -0.64 -4.01 14.47
CA MET A 124 -0.45 -2.61 13.99
C MET A 124 -1.64 -1.81 14.45
N ALA A 125 -1.47 -0.53 14.67
CA ALA A 125 -2.59 0.28 15.12
C ALA A 125 -2.47 1.67 14.45
N ALA A 126 -3.62 2.21 14.06
CA ALA A 126 -3.69 3.52 13.51
C ALA A 126 -3.97 4.55 14.59
N VAL A 127 -3.03 5.39 14.90
CA VAL A 127 -3.17 6.42 15.93
C VAL A 127 -3.68 7.68 15.22
N MET A 128 -4.77 8.27 15.75
CA MET A 128 -5.30 9.48 15.14
C MET A 128 -5.08 10.66 16.09
N GLY A 129 -4.48 11.72 15.65
CA GLY A 129 -4.38 12.98 16.35
C GLY A 129 -3.02 13.59 16.53
N LEU A 130 -1.96 12.72 16.33
CA LEU A 130 -0.56 13.18 16.39
C LEU A 130 0.11 13.13 15.04
N ASN A 131 1.04 14.05 14.84
CA ASN A 131 1.81 14.03 13.56
C ASN A 131 3.01 13.08 13.73
N GLU A 132 3.68 12.84 12.61
CA GLU A 132 4.78 11.90 12.60
C GLU A 132 5.82 12.17 13.72
N GLU A 133 6.28 13.42 13.75
CA GLU A 133 7.31 13.74 14.74
C GLU A 133 6.77 13.54 16.13
N GLN A 134 5.53 13.85 16.42
CA GLN A 134 5.00 13.66 17.78
C GLN A 134 4.92 12.20 18.11
N VAL A 135 4.59 11.30 17.18
CA VAL A 135 4.55 9.88 17.50
C VAL A 135 6.01 9.43 17.71
N ALA A 136 6.96 9.84 16.84
CA ALA A 136 8.37 9.40 17.06
C ALA A 136 8.87 9.85 18.46
N LYS A 137 8.55 11.08 18.80
CA LYS A 137 9.04 11.59 20.15
C LYS A 137 8.37 10.85 21.23
N ALA A 138 7.08 10.48 21.12
CA ALA A 138 6.41 9.73 22.17
C ALA A 138 6.97 8.32 22.34
N LEU A 139 7.32 7.63 21.23
CA LEU A 139 7.86 6.29 21.34
C LEU A 139 9.17 6.40 22.13
N LYS A 140 9.93 7.43 21.90
CA LYS A 140 11.20 7.66 22.69
C LYS A 140 10.85 8.02 24.13
N GLU A 141 9.99 8.99 24.38
CA GLU A 141 9.74 9.47 25.77
C GLU A 141 9.19 8.37 26.62
N TYR A 142 8.29 7.55 26.13
CA TYR A 142 7.60 6.59 26.86
C TYR A 142 8.11 5.19 26.73
N HIS A 143 9.35 5.05 26.22
CA HIS A 143 10.06 3.74 26.28
C HIS A 143 9.34 2.62 25.51
N LEU A 144 8.63 3.03 24.47
CA LEU A 144 8.06 2.08 23.53
C LEU A 144 9.11 1.84 22.45
N HIS A 145 10.24 1.28 22.85
CA HIS A 145 11.40 1.23 22.02
C HIS A 145 11.39 0.08 20.95
N ASP A 146 10.42 -0.82 21.01
CA ASP A 146 10.35 -1.94 20.07
C ASP A 146 9.16 -1.77 19.12
N VAL A 147 8.68 -0.54 18.99
CA VAL A 147 7.54 -0.24 18.10
C VAL A 147 8.07 0.69 17.05
N ASP A 148 7.71 0.44 15.80
CA ASP A 148 8.09 1.29 14.67
C ASP A 148 6.93 2.10 14.04
N ILE A 149 7.19 3.23 13.43
CA ILE A 149 6.21 3.90 12.54
C ILE A 149 6.23 3.15 11.23
N ALA A 150 5.10 2.60 10.85
CA ALA A 150 4.89 1.78 9.63
C ALA A 150 4.22 2.58 8.50
N ASN A 151 3.29 3.51 8.80
CA ASN A 151 2.73 4.33 7.73
C ASN A 151 2.60 5.73 8.21
N VAL A 152 2.85 6.71 7.34
CA VAL A 152 2.57 8.13 7.60
C VAL A 152 1.48 8.50 6.58
N ASN A 153 0.18 8.42 6.97
CA ASN A 153 -0.95 8.39 6.05
C ASN A 153 -1.67 9.69 5.83
N ALA A 154 -1.76 10.49 6.87
CA ALA A 154 -2.35 11.83 6.74
C ALA A 154 -1.67 12.67 7.77
N PRO A 155 -1.86 14.01 7.83
CA PRO A 155 -1.08 14.85 8.72
C PRO A 155 -1.16 14.39 10.17
N TYR A 156 -2.28 13.86 10.61
CA TYR A 156 -2.50 13.33 11.94
C TYR A 156 -3.01 11.90 12.00
N GLN A 157 -2.49 11.10 11.06
CA GLN A 157 -2.85 9.67 11.02
C GLN A 157 -1.61 8.88 10.75
N ILE A 158 -1.16 8.17 11.81
CA ILE A 158 0.17 7.44 11.79
C ILE A 158 -0.13 6.03 12.20
N VAL A 159 0.44 5.06 11.53
CA VAL A 159 0.28 3.65 11.91
C VAL A 159 1.51 3.17 12.57
N ILE A 160 1.42 2.56 13.71
CA ILE A 160 2.56 1.94 14.43
C ILE A 160 2.47 0.45 14.31
N SER A 161 3.63 -0.23 14.47
CA SER A 161 3.71 -1.70 14.20
C SER A 161 4.76 -2.32 15.11
N GLY A 162 4.47 -3.51 15.61
CA GLY A 162 5.46 -4.24 16.46
C GLY A 162 4.85 -5.52 16.97
N LYS A 163 5.56 -6.13 17.95
CA LYS A 163 5.05 -7.39 18.43
C LYS A 163 3.77 -7.15 19.19
N LYS A 164 2.91 -8.16 19.29
CA LYS A 164 1.53 -7.96 19.72
C LYS A 164 1.47 -7.36 21.15
N ASP A 165 2.28 -7.86 22.11
CA ASP A 165 2.14 -7.33 23.47
C ASP A 165 2.59 -5.87 23.51
N GLU A 166 3.66 -5.56 22.82
CA GLU A 166 4.22 -4.21 22.82
C GLU A 166 3.26 -3.26 22.11
N ILE A 167 2.55 -3.68 21.04
CA ILE A 167 1.60 -2.80 20.37
C ILE A 167 0.37 -2.53 21.21
N GLU A 168 -0.13 -3.52 21.99
CA GLU A 168 -1.26 -3.28 22.91
C GLU A 168 -0.80 -2.28 24.00
N LYS A 169 0.44 -2.37 24.51
CA LYS A 169 0.85 -1.39 25.50
CA LYS A 169 0.82 -1.40 25.51
C LYS A 169 0.95 -0.02 24.86
N ALA A 170 1.54 0.04 23.66
CA ALA A 170 1.74 1.31 23.07
C ALA A 170 0.39 1.93 22.74
N ALA A 171 -0.59 1.18 22.20
CA ALA A 171 -1.90 1.73 21.91
C ALA A 171 -2.53 2.36 23.13
N SER A 172 -2.43 1.66 24.26
CA SER A 172 -3.04 2.18 25.47
CA SER A 172 -2.99 2.15 25.52
C SER A 172 -2.33 3.41 25.94
N LEU A 173 -1.02 3.48 25.80
CA LEU A 173 -0.34 4.73 26.10
C LEU A 173 -0.82 5.87 25.22
N PHE A 174 -0.91 5.63 23.90
CA PHE A 174 -1.36 6.70 23.06
C PHE A 174 -2.76 7.18 23.38
N GLU A 175 -3.65 6.28 23.82
CA GLU A 175 -5.02 6.66 24.17
C GLU A 175 -4.99 7.65 25.33
N THR A 176 -3.93 7.66 26.15
CA THR A 176 -3.86 8.68 27.27
C THR A 176 -3.33 10.02 26.80
N MET A 177 -2.86 10.15 25.56
CA MET A 177 -2.29 11.45 25.17
C MET A 177 -3.30 12.43 24.79
N THR A 178 -2.94 13.70 25.13
CA THR A 178 -3.96 14.75 25.00
C THR A 178 -4.69 14.89 23.58
N GLU A 179 -3.96 14.92 22.47
CA GLU A 179 -4.42 15.07 21.16
C GLU A 179 -4.85 13.79 20.49
N VAL A 180 -4.67 12.61 21.10
CA VAL A 180 -5.12 11.36 20.45
C VAL A 180 -6.63 11.17 20.63
N THR A 181 -7.35 11.05 19.54
CA THR A 181 -8.79 10.95 19.58
C THR A 181 -9.24 9.47 19.38
N MET A 182 -8.38 8.57 18.82
CA MET A 182 -8.77 7.19 18.55
C MET A 182 -7.45 6.44 18.28
N VAL A 183 -7.39 5.21 18.71
CA VAL A 183 -6.36 4.29 18.28
C VAL A 183 -7.10 3.05 17.78
N LEU A 184 -6.96 2.79 16.50
N LEU A 184 -6.94 2.78 16.50
CA LEU A 184 -7.67 1.65 15.94
CA LEU A 184 -7.71 1.69 15.89
C LEU A 184 -6.74 0.49 15.63
C LEU A 184 -6.84 0.50 15.50
N PRO A 185 -7.01 -0.69 16.14
CA PRO A 185 -6.20 -1.87 15.78
C PRO A 185 -6.47 -2.27 14.35
N LEU A 186 -5.45 -2.50 13.55
CA LEU A 186 -5.61 -3.01 12.18
C LEU A 186 -5.82 -4.53 12.17
N ASN A 187 -6.51 -4.97 11.13
CA ASN A 187 -6.79 -6.40 10.92
C ASN A 187 -5.65 -7.24 10.38
N VAL A 188 -4.60 -7.33 11.18
CA VAL A 188 -3.33 -8.03 10.82
C VAL A 188 -2.77 -8.71 12.03
N SER A 189 -1.92 -9.70 11.77
CA SER A 189 -1.27 -10.40 12.86
C SER A 189 0.24 -10.41 12.70
N GLY A 190 0.73 -9.54 11.81
CA GLY A 190 2.16 -9.30 11.64
C GLY A 190 2.50 -7.85 11.82
N ALA A 191 3.72 -7.64 12.27
CA ALA A 191 4.25 -6.30 12.40
C ALA A 191 4.79 -5.81 11.01
N PHE A 192 3.88 -5.46 10.13
CA PHE A 192 4.27 -5.12 8.76
C PHE A 192 4.93 -3.74 8.76
N HIS A 193 5.74 -3.50 7.74
CA HIS A 193 6.45 -2.23 7.64
C HIS A 193 7.15 -1.88 8.93
N SER A 194 7.99 -2.80 9.39
CA SER A 194 8.80 -2.64 10.64
C SER A 194 10.06 -3.47 10.57
N ARG A 195 10.87 -3.24 11.61
CA ARG A 195 12.16 -4.01 11.66
C ARG A 195 11.91 -5.50 11.69
N TYR A 196 10.73 -5.97 12.11
CA TYR A 196 10.44 -7.41 12.20
C TYR A 196 10.25 -8.01 10.84
N MET A 197 10.21 -7.17 9.79
CA MET A 197 10.16 -7.66 8.45
C MET A 197 11.51 -7.77 7.73
N ASN A 198 12.57 -7.65 8.50
CA ASN A 198 13.86 -7.65 7.83
C ASN A 198 14.16 -8.98 7.14
N LYS A 199 13.83 -10.13 7.72
CA LYS A 199 14.12 -11.40 7.07
C LYS A 199 13.25 -11.57 5.85
N ALA A 200 11.98 -11.24 5.93
CA ALA A 200 11.09 -11.31 4.76
C ALA A 200 11.58 -10.37 3.63
N LYS A 201 12.07 -9.19 3.94
CA LYS A 201 12.58 -8.33 2.93
CA LYS A 201 12.64 -8.29 2.94
C LYS A 201 13.81 -8.93 2.26
N GLU A 202 14.69 -9.56 3.06
CA GLU A 202 15.91 -10.18 2.44
C GLU A 202 15.48 -11.29 1.55
N GLU A 203 14.56 -12.15 1.93
CA GLU A 203 14.08 -13.22 1.06
C GLU A 203 13.44 -12.69 -0.20
N PHE A 204 12.62 -11.65 -0.08
CA PHE A 204 11.90 -11.12 -1.21
C PHE A 204 12.88 -10.46 -2.18
N GLU A 205 13.88 -9.77 -1.65
CA GLU A 205 14.89 -9.14 -2.50
C GLU A 205 15.57 -10.15 -3.41
N GLU A 206 15.97 -11.28 -2.85
CA GLU A 206 16.64 -12.33 -3.63
C GLU A 206 15.70 -12.86 -4.70
N PHE A 207 14.44 -13.07 -4.32
CA PHE A 207 13.42 -13.54 -5.23
C PHE A 207 13.26 -12.62 -6.47
N LEU A 208 13.33 -11.29 -6.25
CA LEU A 208 13.13 -10.37 -7.33
C LEU A 208 14.19 -10.45 -8.41
N HIS A 209 15.39 -10.96 -8.07
CA HIS A 209 16.43 -11.00 -9.08
C HIS A 209 16.18 -11.97 -10.24
N ALA A 210 15.23 -12.89 -10.11
CA ALA A 210 14.88 -13.74 -11.22
C ALA A 210 13.96 -13.09 -12.24
N PHE A 211 13.38 -11.91 -11.97
CA PHE A 211 12.36 -11.33 -12.83
C PHE A 211 12.88 -10.22 -13.66
N TYR A 212 12.04 -9.83 -14.59
CA TYR A 212 12.48 -8.89 -15.59
CA TYR A 212 12.36 -8.91 -15.65
C TYR A 212 11.73 -7.55 -15.42
N PHE A 213 12.55 -6.50 -15.30
CA PHE A 213 12.01 -5.09 -15.06
C PHE A 213 12.46 -4.18 -16.13
N SER A 214 11.70 -3.14 -16.41
N SER A 214 11.64 -3.17 -16.42
CA SER A 214 12.04 -2.18 -17.43
CA SER A 214 11.86 -2.18 -17.45
C SER A 214 11.90 -0.79 -16.90
C SER A 214 11.85 -0.75 -16.91
N PRO A 215 12.60 0.18 -17.50
CA PRO A 215 12.56 1.59 -17.01
C PRO A 215 11.11 2.14 -17.04
N PRO A 216 10.68 2.78 -15.97
CA PRO A 216 9.29 3.25 -16.01
C PRO A 216 8.97 4.27 -17.11
N SER A 217 7.77 4.15 -17.67
CA SER A 217 7.31 5.09 -18.67
C SER A 217 6.51 6.22 -18.08
N ILE A 218 6.11 6.11 -16.78
CA ILE A 218 5.41 7.18 -16.00
C ILE A 218 6.19 7.20 -14.67
N PRO A 219 6.59 8.37 -14.14
CA PRO A 219 7.26 8.35 -12.84
C PRO A 219 6.40 7.78 -11.73
N VAL A 220 7.06 6.90 -10.93
CA VAL A 220 6.34 6.15 -9.84
C VAL A 220 6.90 6.73 -8.54
N ILE A 221 6.11 7.41 -7.72
CA ILE A 221 6.60 7.98 -6.50
C ILE A 221 6.67 6.90 -5.43
N SER A 222 7.87 6.53 -4.99
CA SER A 222 8.08 5.34 -4.08
C SER A 222 7.61 5.62 -2.65
N ASN A 223 7.05 4.56 -2.04
CA ASN A 223 6.70 4.62 -0.62
C ASN A 223 7.94 4.81 0.28
N VAL A 224 9.10 4.22 -0.10
CA VAL A 224 10.25 4.31 0.82
C VAL A 224 10.82 5.77 0.84
N TYR A 225 10.93 6.41 -0.31
CA TYR A 225 11.65 7.69 -0.41
C TYR A 225 10.75 8.91 -0.71
N ALA A 226 9.52 8.67 -1.13
CA ALA A 226 8.60 9.77 -1.59
C ALA A 226 9.29 10.54 -2.67
N LYS A 227 9.96 9.80 -3.57
CA LYS A 227 10.55 10.42 -4.80
CA LYS A 227 10.70 10.33 -4.79
C LYS A 227 10.44 9.36 -5.90
N PRO A 228 10.60 9.74 -7.19
CA PRO A 228 10.47 8.78 -8.28
C PRO A 228 11.42 7.59 -8.11
N TYR A 229 10.94 6.45 -8.57
CA TYR A 229 11.77 5.27 -8.74
C TYR A 229 12.85 5.55 -9.77
N THR A 230 14.04 5.00 -9.57
CA THR A 230 15.00 4.89 -10.69
C THR A 230 15.18 3.50 -11.05
N TYR A 231 15.50 3.23 -12.29
CA TYR A 231 15.61 1.88 -12.79
C TYR A 231 16.64 0.97 -12.06
N GLU A 232 17.86 1.52 -11.82
CA GLU A 232 18.93 0.68 -11.24
C GLU A 232 18.64 0.30 -9.82
N PHE A 233 17.77 1.12 -9.13
CA PHE A 233 17.40 0.82 -7.73
C PHE A 233 15.99 0.27 -7.64
N MET A 234 15.35 -0.17 -8.71
CA MET A 234 13.95 -0.56 -8.61
C MET A 234 13.78 -1.77 -7.74
N LYS A 235 14.57 -2.83 -7.90
CA LYS A 235 14.36 -4.01 -7.05
C LYS A 235 14.71 -3.72 -5.60
N GLN A 236 15.77 -2.94 -5.32
CA GLN A 236 16.10 -2.64 -3.92
C GLN A 236 14.98 -1.78 -3.33
N THR A 237 14.43 -0.81 -4.02
CA THR A 237 13.38 0.05 -3.44
C THR A 237 12.12 -0.73 -3.22
N LEU A 238 11.75 -1.67 -4.11
CA LEU A 238 10.54 -2.45 -3.94
C LEU A 238 10.74 -3.37 -2.76
N ALA A 239 11.92 -4.00 -2.58
CA ALA A 239 12.13 -4.82 -1.41
C ALA A 239 12.20 -4.02 -0.13
N ASP A 240 12.91 -2.90 -0.18
CA ASP A 240 12.97 -1.97 0.94
C ASP A 240 11.59 -1.59 1.46
N GLN A 241 10.59 -1.52 0.57
CA GLN A 241 9.27 -1.13 1.05
C GLN A 241 8.72 -2.03 2.11
N ILE A 242 9.13 -3.32 2.12
CA ILE A 242 8.55 -4.26 3.06
C ILE A 242 8.98 -3.95 4.51
N ASN A 243 10.21 -3.47 4.75
CA ASN A 243 10.67 -3.17 6.13
C ASN A 243 10.88 -1.75 6.44
N HIS A 244 10.24 -0.87 5.67
CA HIS A 244 10.29 0.56 5.92
C HIS A 244 8.92 1.17 5.98
N SER A 245 8.83 2.37 6.56
CA SER A 245 7.60 3.08 6.67
C SER A 245 7.11 3.48 5.28
N VAL A 246 5.79 3.47 5.09
CA VAL A 246 5.16 4.00 3.86
C VAL A 246 5.01 5.49 3.99
N LYS A 247 5.78 6.27 3.25
CA LYS A 247 5.73 7.77 3.42
CA LYS A 247 5.78 7.74 3.36
C LYS A 247 4.71 8.36 2.48
N TRP A 248 3.45 8.08 2.80
CA TRP A 248 2.33 8.54 1.96
C TRP A 248 2.17 10.01 1.97
N THR A 249 2.19 10.66 3.14
CA THR A 249 1.99 12.13 3.08
C THR A 249 3.13 12.83 2.37
N ASP A 250 4.36 12.38 2.49
CA ASP A 250 5.44 13.08 1.79
C ASP A 250 5.37 12.82 0.28
N SER A 251 4.84 11.68 -0.11
CA SER A 251 4.64 11.40 -1.53
C SER A 251 3.61 12.31 -2.15
N ILE A 252 2.47 12.44 -1.49
CA ILE A 252 1.43 13.32 -2.01
C ILE A 252 1.92 14.77 -1.91
N SER A 253 2.57 15.19 -0.86
CA SER A 253 3.09 16.64 -0.76
C SER A 253 4.12 16.83 -1.86
N TYR A 254 4.98 15.89 -2.20
CA TYR A 254 5.92 16.13 -3.33
C TYR A 254 5.18 16.32 -4.59
N LEU A 255 4.10 15.62 -4.87
CA LEU A 255 3.29 15.82 -6.08
C LEU A 255 2.56 17.16 -6.06
N MET A 256 2.02 17.55 -4.90
CA MET A 256 1.32 18.83 -4.85
C MET A 256 2.26 19.94 -5.06
N LYS A 257 3.54 19.83 -4.67
CA LYS A 257 4.50 20.93 -4.80
C LYS A 257 4.68 21.24 -6.24
N LYS A 258 4.30 20.36 -7.17
CA LYS A 258 4.57 20.60 -8.61
C LYS A 258 3.63 21.66 -9.15
N ALA A 259 2.50 21.93 -8.51
CA ALA A 259 1.56 22.92 -8.96
C ALA A 259 0.16 22.37 -8.96
N ALA A 260 -0.69 22.75 -9.92
CA ALA A 260 -2.02 22.19 -10.08
C ALA A 260 -1.97 20.66 -10.30
N MET A 261 -2.26 19.93 -9.23
CA MET A 261 -2.18 18.48 -9.31
C MET A 261 -3.54 17.94 -8.95
N GLU A 262 -4.14 17.16 -9.83
CA GLU A 262 -5.41 16.39 -9.62
CA GLU A 262 -5.34 16.42 -9.42
C GLU A 262 -4.96 14.99 -9.17
N PHE A 263 -5.69 14.32 -8.30
CA PHE A 263 -5.48 12.93 -7.92
C PHE A 263 -6.70 12.14 -8.23
N GLU A 264 -6.59 11.00 -8.83
CA GLU A 264 -7.71 10.06 -9.04
C GLU A 264 -7.33 8.71 -8.45
N GLU A 265 -8.19 8.17 -7.54
CA GLU A 265 -7.99 6.85 -6.95
C GLU A 265 -8.54 5.84 -7.91
N VAL A 266 -7.77 4.82 -8.29
CA VAL A 266 -8.11 3.83 -9.29
C VAL A 266 -8.07 2.47 -8.60
N GLY A 267 -9.20 1.78 -8.59
CA GLY A 267 -9.39 0.56 -7.77
C GLY A 267 -10.57 0.78 -6.83
N PRO A 268 -10.78 -0.21 -5.95
CA PRO A 268 -12.00 -0.16 -5.07
C PRO A 268 -11.83 0.83 -3.96
N GLY A 269 -12.93 1.44 -3.55
CA GLY A 269 -13.00 2.30 -2.40
C GLY A 269 -12.55 3.72 -2.58
N ASN A 270 -12.51 4.43 -1.48
CA ASN A 270 -12.08 5.85 -1.48
C ASN A 270 -11.12 6.16 -0.31
N VAL A 271 -10.39 5.11 0.12
CA VAL A 271 -9.47 5.35 1.28
C VAL A 271 -8.39 6.41 0.95
N LEU A 272 -7.70 6.24 -0.22
CA LEU A 272 -6.61 7.19 -0.51
C LEU A 272 -7.15 8.57 -0.73
N THR A 273 -8.36 8.67 -1.36
CA THR A 273 -8.94 9.99 -1.60
C THR A 273 -9.19 10.73 -0.28
N GLY A 274 -9.64 9.96 0.71
CA GLY A 274 -9.84 10.56 2.05
C GLY A 274 -8.55 11.04 2.68
N LEU A 275 -7.44 10.29 2.54
CA LEU A 275 -6.15 10.76 3.03
C LEU A 275 -5.66 12.01 2.30
N ILE A 276 -5.79 11.97 0.96
CA ILE A 276 -5.36 13.13 0.16
C ILE A 276 -6.19 14.38 0.55
N HIS A 277 -7.50 14.21 0.84
CA HIS A 277 -8.31 15.37 1.23
C HIS A 277 -7.70 15.97 2.49
N ARG A 278 -7.30 15.14 3.47
CA ARG A 278 -6.77 15.69 4.72
C ARG A 278 -5.38 16.31 4.43
N ILE A 279 -4.54 15.72 3.55
CA ILE A 279 -3.23 16.31 3.26
C ILE A 279 -3.44 17.67 2.59
N LYS A 280 -4.42 17.84 1.71
CA LYS A 280 -4.63 19.12 0.97
CA LYS A 280 -4.62 19.11 0.97
C LYS A 280 -5.13 20.14 1.97
N LYS A 281 -6.07 19.74 2.86
CA LYS A 281 -6.62 20.75 3.76
C LYS A 281 -5.58 21.20 4.72
N ASP A 282 -4.74 20.29 5.21
CA ASP A 282 -3.67 20.67 6.13
C ASP A 282 -2.64 21.62 5.51
N ALA A 283 -2.38 21.46 4.23
CA ALA A 283 -1.39 22.25 3.49
C ALA A 283 -1.97 23.68 3.38
N GLU A 284 -3.30 23.86 3.47
CA GLU A 284 -3.93 25.20 3.37
C GLU A 284 -3.95 25.92 4.68
N ALA A 285 -3.63 25.23 5.76
CA ALA A 285 -3.53 25.84 7.15
C ALA A 285 -2.15 26.42 7.47
N MET A 286 -2.08 27.58 8.13
CA MET A 286 -0.74 28.15 8.42
C MET A 286 -0.13 27.67 9.76
N PRO A 287 1.20 27.91 9.99
CA PRO A 287 1.64 27.52 11.32
C PRO A 287 1.00 28.48 12.36
N ARG A 288 1.16 28.17 13.61
CA ARG A 288 1.00 29.20 14.53
C ARG A 288 2.30 29.21 15.34
#